data_8ZAW
#
_entry.id   8ZAW
#
_cell.length_a   89.119
_cell.length_b   89.119
_cell.length_c   194.450
_cell.angle_alpha   90.00
_cell.angle_beta   90.00
_cell.angle_gamma   120.00
#
_symmetry.space_group_name_H-M   'H 3'
#
loop_
_entity.id
_entity.type
_entity.pdbx_description
1 polymer 'Polyribonucleotide nucleotidyltransferase'
2 non-polymer 'MAGNESIUM ION'
3 water water
#
_entity_poly.entity_id   1
_entity_poly.type   'polypeptide(L)'
_entity_poly.pdbx_seq_one_letter_code
;MASWSHPQFEKGAMAEFEKSISFDGRDIRLKVGLLAPQAGGSVLIESGDTAVLVTATRSPGREGIDFLPLTVDYEERLYA
AGRIPGGIMRREGRPPEKTILTSRLIDRPLRPLFPSWLRDDLQVVALTMSMDEQVPPDVLAVTGASIATLIAKIPFNGPM
AAVRVGLVGDDFIINPTYAEIEAGDLDLVVAGSPHGVIMVEAGANQLPERDIIEAIDFGYEAVRDLIKAQLDLVAELGLE
IVQEAPPEVDQTLENYIRDRASDEIKKILAQFELTKPERDAALDVVKDNIATAIAELPEEDPIRLAATANSKALGNTFKD
ITKYFMRRQIVEDNVRVDGRKLDQVRPVSSQVGVLPKRVHGSGLFNRGLTQVLSACTLGTPGDAQNLNDDLQTDQSKRYL
HHYNFPPFSVGETKPLRAPGRREIGHGALAERAILPVLPPKEQFPYVIRVVSEVLSSNGSTSMGSVCGSTLALMDAGVPI
LKPVSGAAMGLIKEGDEVRVLTDIQGIEDFLGDMDFKVAGTDAGITALQMDMKISGLSLEVIAQAIHQAKDARLHILDKM
LQTIDQPRTETSPYAPRLLTIKIDPDMIGLVIGPGGKTIKGITEETGAKIDIEDDGTVTISAVDENKAKRARNIVQGMTR
KLNEGDVYAGRVTRIIPIGAFVEFLPGKEGMIHISQLADYRVGKVEDEVAVGDEVIVKVREIDNKGRINLTRLGIHPDQA
AAAREAAAVNR
;
_entity_poly.pdbx_strand_id   A
#
# COMPACT_ATOMS: atom_id res chain seq x y z
N ALA A 15 35.29 -12.63 -4.75
CA ALA A 15 35.08 -14.09 -4.82
C ALA A 15 33.91 -14.50 -3.94
N GLU A 16 33.53 -15.78 -3.98
CA GLU A 16 32.23 -16.19 -3.46
C GLU A 16 32.29 -16.56 -1.98
N PHE A 17 31.19 -16.28 -1.29
CA PHE A 17 31.08 -16.43 0.15
C PHE A 17 29.64 -16.86 0.43
N GLU A 18 29.48 -17.94 1.19
CA GLU A 18 28.15 -18.36 1.61
C GLU A 18 27.89 -17.83 3.01
N LYS A 19 26.62 -17.62 3.34
CA LYS A 19 26.29 -17.45 4.76
C LYS A 19 24.92 -18.05 4.95
N SER A 20 24.78 -18.91 5.94
CA SER A 20 23.49 -19.48 6.29
C SER A 20 22.93 -18.71 7.49
N ILE A 21 21.61 -18.56 7.50
CA ILE A 21 20.90 -17.95 8.62
C ILE A 21 19.83 -18.91 9.10
N SER A 22 19.94 -19.34 10.36
CA SER A 22 18.93 -20.25 10.90
C SER A 22 17.64 -19.47 11.14
N PHE A 23 16.53 -19.96 10.59
CA PHE A 23 15.33 -19.11 10.50
C PHE A 23 14.08 -19.98 10.41
N ASP A 24 13.47 -20.20 11.58
CA ASP A 24 12.20 -20.97 11.64
C ASP A 24 12.29 -22.24 10.79
N GLY A 25 13.17 -23.19 11.13
CA GLY A 25 13.18 -24.43 10.32
C GLY A 25 13.75 -24.37 8.92
N ARG A 26 13.36 -23.37 8.12
CA ARG A 26 13.89 -23.18 6.78
C ARG A 26 15.10 -22.25 6.86
N ASP A 27 16.28 -22.81 6.63
CA ASP A 27 17.48 -22.01 6.51
C ASP A 27 17.37 -21.04 5.33
N ILE A 28 17.88 -19.82 5.53
CA ILE A 28 18.04 -18.85 4.47
C ILE A 28 19.54 -18.73 4.19
N ARG A 29 19.95 -19.08 2.98
CA ARG A 29 21.35 -19.00 2.58
C ARG A 29 21.57 -17.82 1.66
N LEU A 30 22.67 -17.10 1.88
CA LEU A 30 23.09 -15.99 1.06
C LEU A 30 24.44 -16.31 0.42
N LYS A 31 24.59 -15.97 -0.86
CA LYS A 31 25.85 -16.12 -1.58
C LYS A 31 26.22 -14.77 -2.17
N VAL A 32 27.33 -14.21 -1.71
CA VAL A 32 27.88 -12.95 -2.21
C VAL A 32 29.21 -13.26 -2.90
N GLY A 33 29.57 -12.40 -3.85
CA GLY A 33 30.81 -12.58 -4.60
C GLY A 33 30.75 -13.61 -5.70
N LEU A 34 29.57 -14.15 -5.98
CA LEU A 34 29.33 -15.18 -6.97
C LEU A 34 28.88 -14.63 -8.32
N LEU A 35 27.85 -13.78 -8.35
CA LEU A 35 27.18 -13.39 -9.58
C LEU A 35 27.03 -11.88 -9.69
N ALA A 36 26.98 -11.38 -10.94
CA ALA A 36 26.85 -9.97 -11.31
C ALA A 36 27.98 -9.12 -10.74
N PRO A 37 29.20 -9.27 -11.23
CA PRO A 37 30.34 -8.58 -10.60
C PRO A 37 30.45 -7.09 -10.92
N GLN A 38 29.65 -6.57 -11.85
CA GLN A 38 29.62 -5.13 -12.07
C GLN A 38 28.49 -4.45 -11.31
N ALA A 39 27.72 -5.17 -10.50
CA ALA A 39 26.71 -4.55 -9.67
C ALA A 39 27.32 -3.96 -8.40
N GLY A 40 26.75 -2.82 -7.95
CA GLY A 40 27.10 -2.30 -6.65
C GLY A 40 27.09 -3.35 -5.56
N GLY A 41 25.99 -4.10 -5.45
CA GLY A 41 25.91 -5.21 -4.50
C GLY A 41 25.00 -6.30 -5.04
N SER A 42 25.27 -7.55 -4.63
CA SER A 42 24.50 -8.70 -5.12
C SER A 42 24.51 -9.87 -4.13
N VAL A 43 23.43 -10.67 -4.17
CA VAL A 43 23.33 -11.90 -3.41
C VAL A 43 22.41 -12.85 -4.15
N LEU A 44 22.79 -14.13 -4.21
CA LEU A 44 21.80 -15.22 -4.32
C LEU A 44 21.27 -15.54 -2.96
N ILE A 45 20.06 -15.12 -2.71
CA ILE A 45 19.34 -15.55 -1.53
C ILE A 45 18.55 -16.81 -1.90
N GLU A 46 18.63 -17.81 -1.04
CA GLU A 46 18.10 -19.14 -1.27
C GLU A 46 17.43 -19.67 0.00
N SER A 47 16.33 -20.39 -0.17
CA SER A 47 15.68 -21.08 0.93
C SER A 47 15.11 -22.39 0.40
N GLY A 48 15.46 -23.49 1.05
CA GLY A 48 15.20 -24.78 0.46
C GLY A 48 15.87 -24.85 -0.90
N ASP A 49 15.06 -24.95 -1.96
CA ASP A 49 15.60 -24.95 -3.32
C ASP A 49 15.01 -23.84 -4.17
N THR A 50 14.42 -22.84 -3.54
CA THR A 50 14.05 -21.60 -4.21
C THR A 50 15.24 -20.64 -4.14
N ALA A 51 15.58 -20.03 -5.27
CA ALA A 51 16.72 -19.14 -5.32
C ALA A 51 16.33 -17.91 -6.11
N VAL A 52 16.71 -16.74 -5.63
CA VAL A 52 16.47 -15.51 -6.34
C VAL A 52 17.73 -14.65 -6.22
N LEU A 53 18.15 -14.08 -7.35
CA LEU A 53 19.33 -13.22 -7.42
C LEU A 53 18.90 -11.75 -7.38
N VAL A 54 19.48 -10.99 -6.47
CA VAL A 54 19.08 -9.61 -6.23
C VAL A 54 20.32 -8.71 -6.29
N THR A 55 20.35 -7.79 -7.25
CA THR A 55 21.44 -6.84 -7.41
C THR A 55 20.96 -5.43 -7.14
N ALA A 56 21.89 -4.52 -6.92
CA ALA A 56 21.52 -3.12 -6.68
C ALA A 56 22.68 -2.24 -7.08
N THR A 57 22.39 -1.19 -7.85
CA THR A 57 23.43 -0.35 -8.44
C THR A 57 22.99 1.10 -8.38
N ARG A 58 23.81 1.95 -7.76
CA ARG A 58 23.64 3.40 -7.85
C ARG A 58 24.44 3.95 -9.01
N SER A 59 23.79 4.76 -9.84
CA SER A 59 24.35 5.40 -11.03
C SER A 59 24.14 6.89 -10.92
N PRO A 60 25.04 7.70 -11.49
CA PRO A 60 24.70 9.11 -11.70
C PRO A 60 23.41 9.25 -12.52
N GLY A 61 22.61 10.26 -12.18
CA GLY A 61 21.34 10.49 -12.85
C GLY A 61 21.27 11.74 -13.71
N PRO A 69 13.80 8.36 -8.13
CA PRO A 69 14.73 7.69 -9.05
C PRO A 69 15.10 6.28 -8.58
N LEU A 70 14.10 5.42 -8.41
CA LEU A 70 14.34 4.04 -7.96
C LEU A 70 13.51 3.13 -8.83
N THR A 71 14.17 2.29 -9.61
CA THR A 71 13.51 1.34 -10.49
C THR A 71 13.76 -0.04 -9.95
N VAL A 72 12.69 -0.81 -9.76
CA VAL A 72 12.74 -2.17 -9.23
C VAL A 72 12.08 -3.10 -10.25
N ASP A 73 12.86 -3.97 -10.86
CA ASP A 73 12.33 -4.96 -11.80
C ASP A 73 12.49 -6.37 -11.25
N TYR A 74 11.37 -7.06 -11.11
CA TYR A 74 11.34 -8.45 -10.69
C TYR A 74 10.99 -9.33 -11.88
N GLU A 75 11.74 -10.41 -12.06
CA GLU A 75 11.46 -11.37 -13.09
C GLU A 75 11.31 -12.77 -12.49
N GLU A 76 10.30 -13.49 -12.92
CA GLU A 76 10.08 -14.88 -12.54
C GLU A 76 10.33 -15.76 -13.76
N ARG A 77 11.53 -16.32 -13.85
CA ARG A 77 11.88 -17.10 -15.04
C ARG A 77 11.14 -18.43 -15.08
N LEU A 78 10.85 -18.90 -16.29
CA LEU A 78 10.13 -20.15 -16.44
C LEU A 78 11.05 -21.37 -16.41
N TYR A 79 12.34 -21.22 -16.75
CA TYR A 79 13.27 -22.32 -16.54
C TYR A 79 13.41 -22.67 -15.07
N ALA A 80 13.07 -21.74 -14.18
CA ALA A 80 13.20 -22.00 -12.74
C ALA A 80 12.35 -23.18 -12.29
N ALA A 81 11.34 -23.57 -13.08
CA ALA A 81 10.42 -24.64 -12.74
C ALA A 81 10.21 -25.66 -13.88
N GLY A 82 10.94 -25.53 -15.00
CA GLY A 82 10.56 -26.17 -16.26
C GLY A 82 9.92 -25.22 -17.26
N ARG A 83 10.67 -24.81 -18.27
CA ARG A 83 10.27 -23.73 -19.19
C ARG A 83 9.59 -24.30 -20.43
N ILE A 84 8.44 -23.73 -20.77
CA ILE A 84 7.67 -24.21 -21.92
C ILE A 84 7.38 -23.02 -22.83
N PRO A 85 7.14 -23.26 -24.13
CA PRO A 85 6.74 -22.15 -24.99
C PRO A 85 5.25 -21.84 -24.90
N LYS A 98 1.40 -11.44 -12.56
CA LYS A 98 1.55 -11.24 -11.12
C LYS A 98 2.97 -10.80 -10.80
N THR A 99 3.80 -10.66 -11.83
CA THR A 99 5.16 -10.20 -11.60
C THR A 99 5.21 -8.72 -11.29
N ILE A 100 4.23 -7.94 -11.78
CA ILE A 100 4.24 -6.51 -11.49
C ILE A 100 3.83 -6.28 -10.04
N LEU A 101 3.01 -7.17 -9.48
CA LEU A 101 2.69 -7.08 -8.06
C LEU A 101 3.90 -7.39 -7.20
N THR A 102 4.67 -8.43 -7.54
CA THR A 102 5.92 -8.69 -6.83
C THR A 102 6.94 -7.59 -7.07
N SER A 103 6.83 -6.88 -8.19
CA SER A 103 7.66 -5.69 -8.38
C SER A 103 7.31 -4.61 -7.36
N ARG A 104 6.01 -4.37 -7.15
CA ARG A 104 5.63 -3.35 -6.17
C ARG A 104 5.92 -3.82 -4.75
N LEU A 105 5.81 -5.12 -4.48
CA LEU A 105 6.08 -5.68 -3.15
C LEU A 105 7.51 -5.42 -2.71
N ILE A 106 8.47 -5.47 -3.65
CA ILE A 106 9.85 -5.12 -3.34
C ILE A 106 10.01 -3.61 -3.20
N ASP A 107 9.37 -2.86 -4.08
CA ASP A 107 9.61 -1.41 -4.14
C ASP A 107 9.04 -0.68 -2.91
N ARG A 108 7.79 -0.95 -2.56
CA ARG A 108 7.12 -0.20 -1.50
C ARG A 108 7.90 -0.12 -0.20
N PRO A 109 8.39 -1.21 0.41
CA PRO A 109 9.19 -1.06 1.64
C PRO A 109 10.61 -0.56 1.42
N LEU A 110 11.06 -0.47 0.18
CA LEU A 110 12.40 0.04 -0.09
C LEU A 110 12.42 1.57 -0.20
N ARG A 111 11.55 2.11 -1.04
CA ARG A 111 11.40 3.54 -1.33
C ARG A 111 11.60 4.43 -0.11
N PRO A 112 10.77 4.36 0.95
CA PRO A 112 10.85 5.35 2.02
C PRO A 112 12.01 5.18 2.99
N LEU A 113 12.94 4.25 2.73
CA LEU A 113 14.15 4.11 3.52
C LEU A 113 15.34 4.84 2.92
N PHE A 114 15.26 5.21 1.63
CA PHE A 114 16.29 6.01 1.02
C PHE A 114 16.11 7.46 1.45
N PRO A 115 17.20 8.18 1.76
CA PRO A 115 17.08 9.60 2.09
C PRO A 115 16.36 10.33 0.97
N SER A 116 15.60 11.36 1.36
CA SER A 116 14.77 12.07 0.39
C SER A 116 15.56 12.90 -0.62
N TRP A 117 16.80 13.20 -0.25
CA TRP A 117 17.66 14.09 -1.07
C TRP A 117 18.50 13.28 -2.05
N LEU A 118 18.15 12.03 -2.29
CA LEU A 118 18.88 11.22 -3.26
C LEU A 118 18.34 11.45 -4.66
N ARG A 119 19.25 11.73 -5.59
CA ARG A 119 18.89 12.02 -6.97
C ARG A 119 19.64 11.14 -7.95
N ASP A 120 20.52 10.27 -7.46
CA ASP A 120 21.17 9.30 -8.32
C ASP A 120 20.21 8.18 -8.65
N ASP A 121 20.47 7.54 -9.79
CA ASP A 121 19.65 6.41 -10.22
C ASP A 121 19.95 5.19 -9.37
N LEU A 122 18.90 4.50 -8.95
CA LEU A 122 19.04 3.28 -8.16
C LEU A 122 18.32 2.16 -8.90
N GLN A 123 19.08 1.23 -9.47
CA GLN A 123 18.52 0.08 -10.17
C GLN A 123 18.56 -1.16 -9.27
N VAL A 124 17.40 -1.72 -8.97
CA VAL A 124 17.25 -2.98 -8.23
C VAL A 124 16.66 -4.01 -9.18
N VAL A 125 17.34 -5.12 -9.36
CA VAL A 125 16.86 -6.22 -10.20
C VAL A 125 16.77 -7.44 -9.31
N ALA A 126 15.71 -8.23 -9.51
CA ALA A 126 15.53 -9.48 -8.78
C ALA A 126 15.03 -10.51 -9.78
N LEU A 127 15.87 -11.51 -10.08
CA LEU A 127 15.49 -12.62 -10.95
C LEU A 127 15.31 -13.87 -10.09
N THR A 128 14.12 -14.44 -10.12
CA THR A 128 13.91 -15.74 -9.50
C THR A 128 14.42 -16.80 -10.46
N MET A 129 15.37 -17.61 -10.00
CA MET A 129 16.05 -18.58 -10.85
C MET A 129 15.79 -20.03 -10.48
N SER A 130 15.11 -20.29 -9.37
CA SER A 130 14.63 -21.63 -9.05
C SER A 130 13.46 -21.50 -8.09
N MET A 131 12.35 -22.17 -8.42
CA MET A 131 11.21 -22.30 -7.51
C MET A 131 11.25 -23.70 -6.90
N ASP A 132 11.48 -23.76 -5.59
CA ASP A 132 11.11 -24.95 -4.84
C ASP A 132 9.59 -24.98 -4.67
N GLU A 133 9.01 -26.15 -4.91
CA GLU A 133 7.55 -26.34 -4.87
C GLU A 133 6.97 -26.03 -3.49
N GLN A 134 7.83 -25.71 -2.53
CA GLN A 134 7.37 -25.30 -1.21
C GLN A 134 7.54 -23.80 -1.01
N VAL A 135 8.76 -23.27 -1.14
CA VAL A 135 9.11 -21.91 -0.76
C VAL A 135 8.67 -20.89 -1.81
N PRO A 136 7.80 -19.94 -1.48
CA PRO A 136 7.51 -18.84 -2.41
C PRO A 136 8.65 -17.82 -2.41
N PRO A 137 9.11 -17.41 -3.59
CA PRO A 137 10.31 -16.57 -3.67
C PRO A 137 10.09 -15.10 -3.37
N ASP A 138 8.84 -14.64 -3.29
CA ASP A 138 8.59 -13.21 -3.28
C ASP A 138 9.19 -12.52 -2.04
N VAL A 139 8.97 -13.08 -0.85
CA VAL A 139 9.58 -12.48 0.35
C VAL A 139 11.09 -12.64 0.36
N LEU A 140 11.62 -13.63 -0.35
CA LEU A 140 13.06 -13.75 -0.45
C LEU A 140 13.68 -12.56 -1.18
N ALA A 141 13.02 -12.08 -2.23
CA ALA A 141 13.54 -10.97 -3.03
C ALA A 141 13.50 -9.66 -2.26
N VAL A 142 12.46 -9.46 -1.45
CA VAL A 142 12.37 -8.27 -0.62
C VAL A 142 13.56 -8.19 0.34
N THR A 143 13.87 -9.30 1.01
CA THR A 143 14.98 -9.31 1.94
C THR A 143 16.31 -9.13 1.23
N GLY A 144 16.45 -9.78 0.07
CA GLY A 144 17.68 -9.63 -0.70
C GLY A 144 17.91 -8.21 -1.17
N ALA A 145 16.85 -7.50 -1.55
CA ALA A 145 16.96 -6.10 -1.96
C ALA A 145 17.68 -5.26 -0.91
N SER A 146 17.34 -5.46 0.36
CA SER A 146 18.03 -4.77 1.44
C SER A 146 19.48 -5.24 1.56
N ILE A 147 19.69 -6.56 1.52
CA ILE A 147 21.03 -7.11 1.61
C ILE A 147 21.92 -6.55 0.51
N ALA A 148 21.37 -6.47 -0.71
CA ALA A 148 22.15 -6.00 -1.85
C ALA A 148 22.42 -4.51 -1.76
N THR A 149 21.52 -3.74 -1.17
CA THR A 149 21.77 -2.32 -1.05
C THR A 149 22.82 -2.05 0.00
N LEU A 150 22.89 -2.89 1.03
CA LEU A 150 23.90 -2.69 2.05
C LEU A 150 25.29 -3.02 1.52
N ILE A 151 25.39 -3.99 0.62
CA ILE A 151 26.68 -4.37 0.06
C ILE A 151 27.15 -3.31 -0.93
N ALA A 152 26.22 -2.73 -1.68
CA ALA A 152 26.54 -1.56 -2.51
C ALA A 152 26.80 -0.32 -1.67
N LYS A 153 26.72 -0.45 -0.35
CA LYS A 153 26.91 0.65 0.58
C LYS A 153 26.36 1.97 0.07
N ILE A 154 25.08 1.93 -0.30
CA ILE A 154 24.24 3.07 -0.64
C ILE A 154 23.56 3.57 0.64
N PRO A 155 23.57 4.87 0.93
CA PRO A 155 22.93 5.34 2.17
C PRO A 155 21.45 5.01 2.16
N PHE A 156 21.01 4.27 3.17
CA PHE A 156 19.57 4.14 3.38
C PHE A 156 19.35 3.72 4.82
N ASN A 157 18.18 4.05 5.34
CA ASN A 157 17.89 3.86 6.76
C ASN A 157 17.29 2.47 6.99
N GLY A 158 18.10 1.46 6.68
CA GLY A 158 17.74 0.07 6.88
C GLY A 158 18.48 -0.58 8.02
N PRO A 159 18.75 -1.90 7.92
CA PRO A 159 18.17 -2.76 6.88
C PRO A 159 16.68 -3.03 7.12
N MET A 160 16.06 -3.52 6.05
CA MET A 160 14.68 -3.97 6.05
C MET A 160 14.65 -5.46 5.82
N ALA A 161 13.53 -6.10 6.13
CA ALA A 161 13.27 -7.49 5.76
C ALA A 161 11.76 -7.66 5.71
N ALA A 162 11.32 -8.73 5.06
CA ALA A 162 9.91 -9.07 4.99
C ALA A 162 9.77 -10.57 5.16
N VAL A 163 8.64 -10.98 5.74
CA VAL A 163 8.30 -12.38 5.87
C VAL A 163 6.84 -12.53 5.50
N ARG A 164 6.45 -13.77 5.21
CA ARG A 164 5.05 -14.14 5.10
C ARG A 164 4.65 -14.90 6.36
N VAL A 165 3.40 -14.73 6.75
CA VAL A 165 2.78 -15.42 7.87
C VAL A 165 1.48 -16.03 7.36
N GLY A 166 1.31 -17.33 7.59
CA GLY A 166 0.06 -18.01 7.38
C GLY A 166 -0.50 -18.55 8.69
N LEU A 167 -1.63 -19.23 8.58
CA LEU A 167 -2.30 -19.81 9.74
C LEU A 167 -2.90 -21.14 9.33
N VAL A 168 -2.40 -22.21 9.95
CA VAL A 168 -2.92 -23.59 9.70
C VAL A 168 -3.57 -24.06 11.01
N GLY A 169 -4.88 -24.26 10.97
CA GLY A 169 -5.59 -24.56 12.22
C GLY A 169 -5.49 -23.37 13.15
N ASP A 170 -4.72 -23.51 14.23
CA ASP A 170 -4.53 -22.42 15.20
C ASP A 170 -3.05 -22.06 15.29
N ASP A 171 -2.23 -22.48 14.30
CA ASP A 171 -0.80 -22.25 14.37
C ASP A 171 -0.39 -21.24 13.31
N PHE A 172 0.07 -20.08 13.76
CA PHE A 172 0.79 -19.16 12.88
C PHE A 172 2.07 -19.82 12.37
N ILE A 173 2.47 -19.49 11.16
CA ILE A 173 3.67 -20.10 10.59
C ILE A 173 4.39 -19.10 9.70
N ILE A 174 5.70 -19.01 9.86
CA ILE A 174 6.52 -18.03 9.17
C ILE A 174 6.92 -18.58 7.81
N ASN A 175 6.72 -17.79 6.77
CA ASN A 175 7.05 -18.17 5.40
C ASN A 175 6.45 -19.55 5.08
N PRO A 176 5.12 -19.67 5.13
CA PRO A 176 4.51 -20.95 4.81
C PRO A 176 4.81 -21.36 3.38
N THR A 177 4.50 -22.61 3.07
CA THR A 177 4.68 -23.13 1.73
C THR A 177 3.52 -22.63 0.87
N TYR A 178 3.41 -23.14 -0.36
CA TYR A 178 2.18 -22.93 -1.12
C TYR A 178 1.03 -23.71 -0.54
N ALA A 179 1.31 -24.88 0.03
CA ALA A 179 0.25 -25.74 0.54
C ALA A 179 -0.52 -25.07 1.66
N GLU A 180 0.19 -24.46 2.62
CA GLU A 180 -0.49 -23.73 3.69
C GLU A 180 -1.21 -22.49 3.17
N ILE A 181 -0.64 -21.83 2.17
CA ILE A 181 -1.32 -20.66 1.61
C ILE A 181 -2.66 -21.08 1.01
N GLU A 182 -2.67 -22.19 0.28
CA GLU A 182 -3.89 -22.69 -0.37
C GLU A 182 -4.90 -23.20 0.64
N ALA A 183 -4.44 -23.77 1.77
CA ALA A 183 -5.30 -24.41 2.76
C ALA A 183 -5.69 -23.52 3.93
N GLY A 184 -4.87 -22.54 4.28
CA GLY A 184 -4.98 -21.83 5.54
C GLY A 184 -5.99 -20.70 5.50
N ASP A 185 -5.96 -19.89 6.56
CA ASP A 185 -6.90 -18.79 6.74
C ASP A 185 -6.26 -17.41 6.62
N LEU A 186 -4.95 -17.32 6.45
CA LEU A 186 -4.26 -16.05 6.51
C LEU A 186 -3.09 -16.09 5.54
N ASP A 187 -2.86 -14.96 4.88
CA ASP A 187 -1.72 -14.87 3.97
C ASP A 187 -1.23 -13.41 4.01
N LEU A 188 -0.39 -13.09 4.99
CA LEU A 188 0.06 -11.71 5.08
C LEU A 188 1.58 -11.55 5.02
N VAL A 189 1.97 -10.44 4.41
CA VAL A 189 3.36 -10.03 4.31
C VAL A 189 3.54 -8.85 5.24
N VAL A 190 4.59 -8.91 6.05
CA VAL A 190 5.03 -7.83 6.91
C VAL A 190 6.45 -7.49 6.50
N ALA A 191 6.71 -6.21 6.23
CA ALA A 191 8.07 -5.74 6.04
C ALA A 191 8.35 -4.69 7.10
N GLY A 192 9.52 -4.77 7.72
CA GLY A 192 9.88 -3.78 8.72
C GLY A 192 11.33 -3.37 8.67
N SER A 193 11.73 -2.60 9.67
CA SER A 193 13.08 -2.09 9.75
C SER A 193 13.29 -1.73 11.23
N PRO A 194 14.42 -1.13 11.65
CA PRO A 194 14.55 -0.76 13.08
C PRO A 194 13.45 0.15 13.57
N HIS A 195 13.01 1.08 12.74
CA HIS A 195 12.00 2.06 13.09
C HIS A 195 10.57 1.51 13.00
N GLY A 196 10.39 0.23 12.73
CA GLY A 196 9.05 -0.30 12.81
C GLY A 196 8.65 -1.00 11.53
N VAL A 197 7.33 -1.14 11.36
CA VAL A 197 6.74 -1.83 10.20
C VAL A 197 6.55 -0.82 9.07
N ILE A 198 6.97 -1.20 7.85
CA ILE A 198 6.87 -0.30 6.71
C ILE A 198 5.77 -0.72 5.74
N MET A 199 5.44 -2.00 5.68
CA MET A 199 4.49 -2.54 4.72
C MET A 199 3.75 -3.73 5.31
N VAL A 200 2.46 -3.78 5.07
CA VAL A 200 1.66 -4.98 5.28
C VAL A 200 0.87 -5.23 3.99
N GLU A 201 0.62 -6.50 3.72
CA GLU A 201 -0.23 -6.90 2.59
C GLU A 201 -0.82 -8.27 2.93
N ALA A 202 -2.14 -8.36 3.02
CA ALA A 202 -2.79 -9.55 3.58
C ALA A 202 -4.06 -9.95 2.83
N GLY A 203 -4.28 -11.25 2.76
CA GLY A 203 -5.61 -11.81 2.60
C GLY A 203 -5.94 -12.64 3.83
N ALA A 204 -7.23 -12.72 4.16
CA ALA A 204 -7.65 -13.41 5.36
C ALA A 204 -9.12 -13.83 5.24
N ASN A 205 -9.51 -14.82 6.03
CA ASN A 205 -10.88 -15.31 6.00
C ASN A 205 -11.63 -14.77 7.20
N GLN A 206 -12.04 -13.51 7.11
CA GLN A 206 -12.83 -12.86 8.17
C GLN A 206 -12.19 -13.07 9.53
N LEU A 207 -10.87 -12.84 9.58
CA LEU A 207 -10.11 -12.93 10.81
C LEU A 207 -10.39 -11.72 11.68
N PRO A 208 -10.57 -11.91 12.99
CA PRO A 208 -10.80 -10.78 13.89
C PRO A 208 -9.55 -9.92 14.02
N GLU A 209 -9.77 -8.68 14.43
CA GLU A 209 -8.68 -7.71 14.47
C GLU A 209 -7.54 -8.20 15.38
N ARG A 210 -7.89 -8.83 16.49
CA ARG A 210 -6.89 -9.27 17.45
C ARG A 210 -5.91 -10.26 16.85
N ASP A 211 -6.41 -11.20 16.03
CA ASP A 211 -5.52 -12.20 15.42
C ASP A 211 -4.69 -11.60 14.30
N ILE A 212 -5.28 -10.67 13.55
CA ILE A 212 -4.51 -9.97 12.53
C ILE A 212 -3.39 -9.18 13.17
N ILE A 213 -3.68 -8.50 14.29
CA ILE A 213 -2.66 -7.74 15.00
C ILE A 213 -1.56 -8.67 15.52
N GLU A 214 -1.95 -9.85 16.04
CA GLU A 214 -0.98 -10.82 16.54
C GLU A 214 -0.12 -11.38 15.43
N ALA A 215 -0.72 -11.67 14.27
CA ALA A 215 0.05 -12.15 13.14
C ALA A 215 1.05 -11.10 12.69
N ILE A 216 0.63 -9.84 12.63
CA ILE A 216 1.54 -8.77 12.22
C ILE A 216 2.71 -8.70 13.19
N ASP A 217 2.41 -8.73 14.49
CA ASP A 217 3.45 -8.66 15.52
C ASP A 217 4.36 -9.88 15.49
N PHE A 218 3.77 -11.06 15.31
CA PHE A 218 4.55 -12.29 15.23
C PHE A 218 5.50 -12.24 14.03
N GLY A 219 5.02 -11.69 12.91
CA GLY A 219 5.85 -11.60 11.72
C GLY A 219 6.89 -10.49 11.78
N TYR A 220 6.57 -9.37 12.43
CA TYR A 220 7.58 -8.33 12.62
C TYR A 220 8.72 -8.81 13.50
N GLU A 221 8.47 -9.78 14.39
CA GLU A 221 9.57 -10.26 15.22
C GLU A 221 10.55 -11.10 14.41
N ALA A 222 10.06 -11.83 13.41
CA ALA A 222 10.96 -12.54 12.52
C ALA A 222 11.64 -11.58 11.56
N VAL A 223 10.97 -10.47 11.24
CA VAL A 223 11.61 -9.41 10.48
C VAL A 223 12.81 -8.87 11.24
N ARG A 224 12.67 -8.69 12.55
CA ARG A 224 13.78 -8.20 13.37
C ARG A 224 14.90 -9.23 13.46
N ASP A 225 14.53 -10.52 13.50
CA ASP A 225 15.53 -11.59 13.47
C ASP A 225 16.31 -11.57 12.16
N LEU A 226 15.67 -11.15 11.07
CA LEU A 226 16.40 -10.95 9.83
C LEU A 226 17.09 -9.58 9.75
N ILE A 227 16.64 -8.58 10.51
CA ILE A 227 17.39 -7.32 10.59
C ILE A 227 18.76 -7.56 11.21
N LYS A 228 18.80 -7.98 12.48
CA LYS A 228 19.94 -8.74 13.00
C LYS A 228 20.27 -9.83 11.99
N ALA A 229 21.56 -10.18 11.90
CA ALA A 229 22.08 -11.10 10.89
C ALA A 229 22.03 -10.48 9.50
N GLN A 230 21.62 -9.22 9.39
CA GLN A 230 21.90 -8.46 8.18
C GLN A 230 22.91 -7.50 8.80
N LEU A 231 22.61 -7.00 10.00
CA LEU A 231 23.60 -6.23 10.75
C LEU A 231 24.84 -7.06 11.06
N ASP A 232 24.69 -8.39 11.21
CA ASP A 232 25.84 -9.25 11.41
C ASP A 232 26.64 -9.41 10.12
N LEU A 233 25.95 -9.50 8.99
CA LEU A 233 26.64 -9.47 7.71
C LEU A 233 27.40 -8.16 7.52
N VAL A 234 26.75 -7.02 7.82
CA VAL A 234 27.44 -5.73 7.67
C VAL A 234 28.73 -5.72 8.49
N ALA A 235 28.66 -6.22 9.72
CA ALA A 235 29.83 -6.26 10.59
C ALA A 235 30.87 -7.24 10.07
N GLU A 236 30.41 -8.40 9.60
CA GLU A 236 31.26 -9.41 9.04
C GLU A 236 32.03 -8.86 7.85
N LEU A 237 31.33 -8.57 6.74
CA LEU A 237 32.01 -8.16 5.52
C LEU A 237 32.62 -6.77 5.61
N GLY A 238 32.31 -6.02 6.66
CA GLY A 238 32.88 -4.70 6.89
C GLY A 238 32.33 -3.60 6.00
N LEU A 239 31.05 -3.24 6.17
CA LEU A 239 30.39 -2.25 5.31
C LEU A 239 30.17 -0.92 6.02
N THR A 252 18.08 29.60 0.80
CA THR A 252 17.92 30.91 0.17
C THR A 252 16.59 31.00 -0.61
N LEU A 253 16.34 30.08 -1.54
CA LEU A 253 15.09 30.10 -2.29
C LEU A 253 13.94 29.59 -1.45
N GLU A 254 14.19 28.58 -0.61
CA GLU A 254 13.15 28.01 0.25
C GLU A 254 12.60 29.05 1.21
N ASN A 255 13.50 29.81 1.86
CA ASN A 255 13.07 30.86 2.76
C ASN A 255 12.28 31.94 2.03
N TYR A 256 12.74 32.34 0.83
CA TYR A 256 12.01 33.28 0.00
C TYR A 256 10.57 32.85 -0.18
N ILE A 257 10.37 31.62 -0.65
CA ILE A 257 9.03 31.08 -0.87
C ILE A 257 8.27 30.95 0.45
N ARG A 258 8.93 30.43 1.49
CA ARG A 258 8.30 30.30 2.79
C ARG A 258 7.77 31.64 3.30
N ASP A 259 8.61 32.69 3.23
CA ASP A 259 8.22 33.99 3.76
C ASP A 259 7.11 34.62 2.93
N ARG A 260 7.08 34.37 1.63
CA ARG A 260 6.05 34.97 0.78
C ARG A 260 4.71 34.26 0.92
N ALA A 261 4.71 32.95 1.16
CA ALA A 261 3.53 32.14 0.92
C ALA A 261 2.93 31.51 2.16
N SER A 262 3.62 31.52 3.31
CA SER A 262 3.21 30.72 4.45
C SER A 262 1.88 31.19 5.04
N ASP A 263 1.77 32.48 5.32
CA ASP A 263 0.52 32.97 5.90
C ASP A 263 -0.64 32.85 4.92
N GLU A 264 -0.36 32.71 3.62
CA GLU A 264 -1.44 32.52 2.65
C GLU A 264 -1.97 31.08 2.68
N ILE A 265 -1.07 30.11 2.90
CA ILE A 265 -1.45 28.69 2.85
C ILE A 265 -2.26 28.32 4.08
N LYS A 266 -1.90 28.90 5.26
CA LYS A 266 -2.70 28.69 6.47
C LYS A 266 -4.19 28.88 6.13
N LYS A 267 -4.52 29.93 5.38
CA LYS A 267 -5.91 30.36 5.36
C LYS A 267 -6.73 29.42 4.44
N ILE A 268 -6.16 29.04 3.29
CA ILE A 268 -6.81 28.06 2.46
C ILE A 268 -7.00 26.78 3.23
N LEU A 269 -5.98 26.36 4.00
CA LEU A 269 -6.09 25.12 4.76
C LEU A 269 -7.10 25.23 5.88
N ALA A 270 -7.42 26.44 6.33
CA ALA A 270 -8.36 26.65 7.41
C ALA A 270 -9.78 26.90 6.89
N GLN A 271 -9.96 26.98 5.58
CA GLN A 271 -11.28 27.25 4.99
C GLN A 271 -11.99 25.94 4.74
N PHE A 272 -12.76 25.49 5.75
CA PHE A 272 -13.38 24.17 5.75
C PHE A 272 -14.52 24.03 4.75
N GLU A 273 -15.23 25.11 4.45
CA GLU A 273 -16.30 25.05 3.44
C GLU A 273 -15.80 24.86 2.01
N LEU A 274 -14.51 24.88 1.79
CA LEU A 274 -13.95 24.72 0.45
C LEU A 274 -13.84 23.26 0.04
N THR A 275 -14.36 22.92 -1.13
CA THR A 275 -14.26 21.56 -1.65
C THR A 275 -12.86 21.30 -2.18
N LYS A 276 -12.56 20.04 -2.44
CA LYS A 276 -11.21 19.69 -2.89
C LYS A 276 -10.86 20.37 -4.20
N PRO A 277 -11.69 20.34 -5.24
CA PRO A 277 -11.34 21.10 -6.45
C PRO A 277 -10.97 22.55 -6.15
N GLU A 278 -11.80 23.21 -5.35
CA GLU A 278 -11.62 24.66 -5.10
C GLU A 278 -10.29 24.95 -4.39
N ARG A 279 -9.98 24.17 -3.36
CA ARG A 279 -8.74 24.34 -2.59
C ARG A 279 -7.54 24.02 -3.47
N ASP A 280 -7.72 23.17 -4.49
CA ASP A 280 -6.64 22.89 -5.41
C ASP A 280 -6.43 24.08 -6.34
N ALA A 281 -7.52 24.64 -6.86
CA ALA A 281 -7.42 25.86 -7.65
C ALA A 281 -6.95 27.05 -6.83
N ALA A 282 -7.15 27.04 -5.51
CA ALA A 282 -6.72 28.16 -4.69
C ALA A 282 -5.23 28.09 -4.39
N LEU A 283 -4.74 26.91 -3.99
CA LEU A 283 -3.30 26.74 -3.78
C LEU A 283 -2.51 26.91 -5.07
N ASP A 284 -3.10 26.59 -6.22
CA ASP A 284 -2.39 26.81 -7.48
C ASP A 284 -2.18 28.30 -7.73
N VAL A 285 -3.23 29.11 -7.53
CA VAL A 285 -3.12 30.56 -7.70
C VAL A 285 -2.03 31.15 -6.81
N VAL A 286 -1.95 30.69 -5.57
CA VAL A 286 -0.89 31.16 -4.68
C VAL A 286 0.48 30.91 -5.31
N LYS A 287 0.74 29.66 -5.73
CA LYS A 287 2.01 29.33 -6.37
C LYS A 287 2.21 30.12 -7.65
N ASP A 288 1.12 30.39 -8.38
CA ASP A 288 1.26 31.11 -9.65
C ASP A 288 1.70 32.55 -9.44
N ASN A 289 1.10 33.22 -8.45
CA ASN A 289 1.53 34.58 -8.11
C ASN A 289 2.99 34.62 -7.65
N ILE A 290 3.46 33.58 -6.94
CA ILE A 290 4.87 33.52 -6.55
C ILE A 290 5.75 33.40 -7.78
N ALA A 291 5.35 32.56 -8.74
CA ALA A 291 6.07 32.47 -9.99
C ALA A 291 6.11 33.83 -10.69
N THR A 292 4.99 34.55 -10.67
CA THR A 292 4.94 35.86 -11.33
C THR A 292 5.93 36.82 -10.68
N ALA A 293 6.00 36.79 -9.35
CA ALA A 293 6.93 37.67 -8.63
C ALA A 293 8.38 37.33 -8.93
N ILE A 294 8.71 36.03 -9.04
CA ILE A 294 10.06 35.63 -9.41
C ILE A 294 10.35 36.03 -10.86
N ALA A 295 9.34 35.94 -11.73
CA ALA A 295 9.54 36.36 -13.12
C ALA A 295 9.69 37.88 -13.24
N GLU A 296 8.99 38.63 -12.40
CA GLU A 296 9.05 40.09 -12.46
C GLU A 296 10.47 40.60 -12.27
N LEU A 297 11.17 40.10 -11.25
CA LEU A 297 12.54 40.52 -11.02
C LEU A 297 13.44 39.97 -12.14
N PRO A 298 14.50 40.72 -12.51
CA PRO A 298 15.27 40.33 -13.69
C PRO A 298 16.35 39.30 -13.37
N GLU A 299 17.17 38.96 -14.38
CA GLU A 299 18.29 38.05 -14.18
C GLU A 299 19.27 38.54 -13.12
N GLU A 300 19.16 39.81 -12.73
CA GLU A 300 20.10 40.42 -11.80
C GLU A 300 19.99 39.82 -10.40
N ASP A 301 18.79 39.44 -9.97
CA ASP A 301 18.63 38.87 -8.64
C ASP A 301 19.21 37.46 -8.58
N PRO A 302 19.67 37.02 -7.39
CA PRO A 302 20.32 35.70 -7.29
C PRO A 302 19.34 34.55 -7.29
N ILE A 303 18.15 34.75 -6.71
CA ILE A 303 17.22 33.62 -6.59
C ILE A 303 16.59 33.25 -7.92
N ARG A 304 16.53 34.18 -8.88
CA ARG A 304 16.07 33.82 -10.22
C ARG A 304 17.03 32.85 -10.89
N LEU A 305 18.34 33.05 -10.69
CA LEU A 305 19.32 32.11 -11.21
C LEU A 305 19.34 30.83 -10.38
N ALA A 306 19.20 30.96 -9.05
CA ALA A 306 19.08 29.78 -8.20
C ALA A 306 17.78 29.03 -8.45
N ALA A 307 16.78 29.68 -9.05
CA ALA A 307 15.52 29.04 -9.42
C ALA A 307 15.52 28.52 -10.85
N THR A 308 16.22 29.19 -11.76
CA THR A 308 16.45 28.62 -13.08
C THR A 308 17.51 27.53 -13.03
N ALA A 309 18.16 27.32 -11.89
CA ALA A 309 19.02 26.19 -11.65
C ALA A 309 18.25 24.97 -11.14
N ASN A 310 16.99 25.17 -10.76
CA ASN A 310 16.09 24.07 -10.32
C ASN A 310 14.68 24.39 -10.80
N SER A 311 14.30 23.89 -11.98
CA SER A 311 12.97 24.17 -12.58
C SER A 311 11.89 23.29 -11.95
N LYS A 312 11.84 23.24 -10.63
CA LYS A 312 10.88 22.35 -9.95
C LYS A 312 10.89 22.70 -8.47
N ALA A 313 11.97 23.32 -8.02
CA ALA A 313 12.03 23.65 -6.61
C ALA A 313 10.81 24.44 -6.15
N LEU A 314 10.18 25.19 -7.06
CA LEU A 314 8.97 25.93 -6.69
C LEU A 314 7.91 24.97 -6.14
N GLY A 315 7.61 23.92 -6.90
CA GLY A 315 6.65 22.93 -6.45
C GLY A 315 7.07 22.20 -5.19
N ASN A 316 8.36 21.90 -5.05
CA ASN A 316 8.74 21.06 -3.91
C ASN A 316 8.59 21.82 -2.60
N THR A 317 9.18 23.02 -2.56
CA THR A 317 9.04 23.88 -1.40
C THR A 317 7.57 24.23 -1.16
N PHE A 318 6.81 24.44 -2.23
CA PHE A 318 5.39 24.72 -2.07
C PHE A 318 4.70 23.60 -1.34
N LYS A 319 4.87 22.37 -1.84
CA LYS A 319 4.21 21.20 -1.21
C LYS A 319 4.72 21.03 0.23
N ASP A 320 5.99 21.30 0.48
CA ASP A 320 6.57 21.13 1.80
C ASP A 320 5.96 22.11 2.77
N ILE A 321 5.72 23.36 2.34
CA ILE A 321 4.98 24.32 3.17
C ILE A 321 3.54 23.84 3.38
N THR A 322 2.88 23.36 2.32
CA THR A 322 1.51 22.86 2.51
C THR A 322 1.49 21.64 3.42
N LYS A 323 2.48 20.75 3.30
CA LYS A 323 2.56 19.60 4.20
C LYS A 323 2.65 20.06 5.65
N TYR A 324 3.56 21.00 5.93
CA TYR A 324 3.77 21.46 7.29
C TYR A 324 2.48 22.00 7.91
N PHE A 325 1.76 22.84 7.17
CA PHE A 325 0.63 23.57 7.74
C PHE A 325 -0.61 22.70 7.86
N MET A 326 -0.75 21.68 7.01
CA MET A 326 -1.79 20.70 7.22
C MET A 326 -1.50 19.87 8.46
N ARG A 327 -0.22 19.54 8.67
CA ARG A 327 0.16 18.73 9.81
C ARG A 327 -0.03 19.48 11.13
N ARG A 328 0.39 20.74 11.18
CA ARG A 328 0.15 21.49 12.40
C ARG A 328 -1.35 21.72 12.61
N GLN A 329 -2.09 21.93 11.51
CA GLN A 329 -3.54 22.01 11.57
C GLN A 329 -4.13 20.77 12.26
N ILE A 330 -3.55 19.59 12.02
CA ILE A 330 -4.08 18.32 12.53
C ILE A 330 -3.61 18.04 13.96
N VAL A 331 -2.35 18.36 14.33
CA VAL A 331 -1.83 17.92 15.63
C VAL A 331 -2.29 18.86 16.75
N GLU A 332 -2.17 20.17 16.56
CA GLU A 332 -2.50 21.09 17.67
C GLU A 332 -4.00 21.38 17.68
N ASP A 333 -4.51 21.91 16.57
CA ASP A 333 -5.93 21.93 16.31
C ASP A 333 -6.35 20.48 16.05
N ASN A 334 -7.58 20.12 16.37
CA ASN A 334 -7.99 18.72 16.20
C ASN A 334 -8.90 18.55 14.99
N VAL A 335 -8.56 19.19 13.89
CA VAL A 335 -9.44 19.31 12.74
C VAL A 335 -8.62 19.11 11.49
N ARG A 336 -9.25 18.51 10.49
CA ARG A 336 -8.64 18.26 9.20
C ARG A 336 -9.01 19.40 8.24
N VAL A 337 -8.58 19.26 6.98
CA VAL A 337 -8.60 20.41 6.08
C VAL A 337 -10.00 20.70 5.54
N ASP A 338 -10.91 19.73 5.59
CA ASP A 338 -12.29 19.96 5.22
C ASP A 338 -13.20 20.08 6.44
N GLY A 339 -12.62 20.28 7.63
CA GLY A 339 -13.37 20.49 8.84
C GLY A 339 -13.73 19.25 9.63
N ARG A 340 -13.38 18.06 9.15
CA ARG A 340 -13.83 16.85 9.81
C ARG A 340 -12.97 16.50 11.01
N LYS A 341 -13.59 15.79 11.95
CA LYS A 341 -12.87 15.20 13.07
C LYS A 341 -11.95 14.09 12.55
N LEU A 342 -10.96 13.76 13.36
CA LEU A 342 -9.98 12.76 13.00
C LEU A 342 -10.56 11.35 12.86
N ASP A 343 -11.77 11.09 13.39
CA ASP A 343 -12.43 9.82 13.20
C ASP A 343 -13.59 9.89 12.22
N GLN A 344 -13.86 11.05 11.64
CA GLN A 344 -15.06 11.23 10.84
C GLN A 344 -14.88 10.65 9.43
N VAL A 345 -15.90 9.94 8.97
CA VAL A 345 -15.98 9.40 7.62
C VAL A 345 -16.72 10.39 6.74
N ARG A 346 -16.30 10.53 5.48
CA ARG A 346 -16.95 11.46 4.58
C ARG A 346 -18.38 11.02 4.32
N PRO A 347 -19.24 11.92 3.82
CA PRO A 347 -20.63 11.54 3.56
C PRO A 347 -20.69 10.47 2.49
N VAL A 348 -21.49 9.43 2.76
CA VAL A 348 -21.56 8.24 1.93
C VAL A 348 -22.91 8.20 1.24
N SER A 349 -22.90 7.89 -0.07
CA SER A 349 -24.07 7.72 -0.91
C SER A 349 -23.96 6.38 -1.63
N SER A 350 -25.10 5.80 -2.01
CA SER A 350 -25.05 4.53 -2.71
C SER A 350 -26.39 4.23 -3.34
N GLN A 351 -26.36 3.50 -4.45
CA GLN A 351 -27.58 3.03 -5.08
C GLN A 351 -27.29 1.76 -5.87
N VAL A 352 -28.37 1.07 -6.20
CA VAL A 352 -28.37 -0.25 -6.82
C VAL A 352 -29.17 -0.20 -8.12
N GLY A 353 -28.75 -0.99 -9.10
CA GLY A 353 -29.46 -1.03 -10.36
C GLY A 353 -29.30 0.21 -11.20
N VAL A 354 -28.16 0.90 -11.06
CA VAL A 354 -27.89 2.12 -11.83
C VAL A 354 -27.96 1.86 -13.32
N LEU A 355 -27.57 0.67 -13.75
CA LEU A 355 -27.56 0.30 -15.15
C LEU A 355 -28.72 -0.63 -15.45
N PRO A 356 -29.09 -0.78 -16.73
CA PRO A 356 -30.16 -1.71 -17.08
C PRO A 356 -29.85 -3.14 -16.65
N LYS A 357 -30.93 -3.89 -16.41
CA LYS A 357 -30.87 -5.24 -15.87
C LYS A 357 -30.12 -6.28 -16.73
N ARG A 358 -29.76 -5.99 -17.99
CA ARG A 358 -28.65 -6.69 -18.67
C ARG A 358 -27.39 -6.81 -17.86
N VAL A 359 -26.90 -5.69 -17.43
CA VAL A 359 -25.75 -5.68 -16.54
C VAL A 359 -26.33 -6.42 -15.33
N HIS A 360 -25.87 -7.65 -15.14
CA HIS A 360 -26.49 -8.53 -14.15
C HIS A 360 -26.51 -7.89 -12.77
N GLY A 361 -25.56 -6.99 -12.49
CA GLY A 361 -25.52 -6.30 -11.22
C GLY A 361 -24.89 -4.93 -11.33
N SER A 362 -25.52 -3.93 -10.70
CA SER A 362 -25.09 -2.55 -10.80
C SER A 362 -24.98 -2.00 -9.38
N GLY A 363 -23.90 -1.29 -9.10
CA GLY A 363 -23.79 -0.60 -7.82
C GLY A 363 -22.95 0.66 -7.89
N LEU A 364 -23.49 1.78 -7.46
CA LEU A 364 -22.76 3.04 -7.40
C LEU A 364 -22.49 3.40 -5.95
N PHE A 365 -21.23 3.67 -5.62
CA PHE A 365 -20.82 4.08 -4.27
C PHE A 365 -20.18 5.47 -4.31
N ASN A 366 -20.47 6.30 -3.30
CA ASN A 366 -19.87 7.62 -3.12
C ASN A 366 -19.30 7.74 -1.71
N ARG A 367 -18.09 8.26 -1.61
CA ARG A 367 -17.52 8.78 -0.36
C ARG A 367 -16.91 10.13 -0.71
N GLY A 368 -17.54 11.20 -0.28
CA GLY A 368 -17.09 12.49 -0.75
C GLY A 368 -17.06 12.42 -2.25
N LEU A 369 -15.98 12.93 -2.85
CA LEU A 369 -15.86 12.98 -4.30
C LEU A 369 -15.22 11.71 -4.89
N THR A 370 -15.07 10.65 -4.10
CA THR A 370 -14.65 9.36 -4.62
C THR A 370 -15.89 8.56 -5.04
N GLN A 371 -15.95 8.18 -6.31
CA GLN A 371 -17.12 7.52 -6.90
C GLN A 371 -16.67 6.27 -7.65
N VAL A 372 -17.37 5.16 -7.42
CA VAL A 372 -17.04 3.90 -8.09
C VAL A 372 -18.34 3.25 -8.55
N LEU A 373 -18.36 2.78 -9.78
CA LEU A 373 -19.53 2.08 -10.30
C LEU A 373 -19.12 0.63 -10.58
N SER A 374 -19.72 -0.30 -9.88
CA SER A 374 -19.38 -1.71 -10.02
C SER A 374 -20.41 -2.43 -10.88
N ALA A 375 -19.91 -3.35 -11.70
CA ALA A 375 -20.77 -4.05 -12.63
C ALA A 375 -20.47 -5.54 -12.51
N CYS A 376 -21.53 -6.33 -12.48
CA CYS A 376 -21.44 -7.75 -12.21
C CYS A 376 -21.94 -8.54 -13.41
N THR A 377 -21.11 -9.48 -13.85
CA THR A 377 -21.46 -10.41 -14.93
C THR A 377 -21.38 -11.84 -14.41
N LEU A 378 -22.40 -12.63 -14.75
CA LEU A 378 -22.47 -14.05 -14.43
C LEU A 378 -22.37 -14.86 -15.72
N GLY A 379 -21.60 -15.94 -15.68
CA GLY A 379 -21.41 -16.75 -16.86
C GLY A 379 -21.49 -18.23 -16.61
N THR A 380 -20.81 -19.00 -17.45
CA THR A 380 -20.77 -20.44 -17.44
C THR A 380 -19.31 -20.90 -17.47
N PRO A 381 -19.01 -22.12 -17.00
CA PRO A 381 -17.64 -22.66 -17.12
C PRO A 381 -16.99 -22.47 -18.49
N ARG A 398 -11.93 -19.18 -11.42
CA ARG A 398 -12.99 -18.24 -11.89
C ARG A 398 -12.92 -16.95 -11.06
N TYR A 399 -14.01 -16.55 -10.43
CA TYR A 399 -14.03 -15.40 -9.51
C TYR A 399 -12.88 -14.42 -9.72
N LEU A 400 -13.11 -13.41 -10.54
CA LEU A 400 -12.09 -12.38 -10.67
C LEU A 400 -12.64 -10.96 -10.82
N HIS A 401 -11.73 -9.98 -10.79
CA HIS A 401 -12.16 -8.58 -10.67
C HIS A 401 -11.09 -7.64 -11.21
N HIS A 402 -11.46 -6.78 -12.16
CA HIS A 402 -10.54 -5.79 -12.70
C HIS A 402 -10.93 -4.38 -12.28
N TYR A 403 -9.93 -3.48 -12.32
CA TYR A 403 -9.98 -2.15 -11.72
C TYR A 403 -9.49 -1.17 -12.77
N ASN A 404 -10.41 -0.37 -13.30
CA ASN A 404 -10.05 0.63 -14.28
C ASN A 404 -10.64 1.98 -13.88
N GLY A 427 -7.11 -4.03 -8.42
CA GLY A 427 -7.96 -5.15 -8.75
C GLY A 427 -7.70 -6.36 -7.86
N ALA A 428 -6.42 -6.59 -7.57
CA ALA A 428 -6.08 -7.70 -6.71
C ALA A 428 -6.59 -7.49 -5.29
N LEU A 429 -6.50 -6.26 -4.79
CA LEU A 429 -6.87 -6.02 -3.40
C LEU A 429 -8.34 -6.31 -3.15
N ALA A 430 -9.19 -6.04 -4.15
CA ALA A 430 -10.64 -6.15 -3.94
C ALA A 430 -11.13 -7.57 -4.16
N GLU A 431 -10.45 -8.33 -5.01
CA GLU A 431 -10.77 -9.75 -5.12
C GLU A 431 -10.21 -10.52 -3.93
N ARG A 432 -9.08 -10.06 -3.39
CA ARG A 432 -8.58 -10.60 -2.13
C ARG A 432 -9.58 -10.35 -1.00
N ALA A 433 -10.35 -9.26 -1.10
CA ALA A 433 -11.26 -8.83 -0.04
C ALA A 433 -12.66 -9.39 -0.22
N ILE A 434 -13.03 -9.78 -1.43
CA ILE A 434 -14.36 -10.32 -1.68
C ILE A 434 -14.40 -11.83 -1.53
N LEU A 435 -13.37 -12.52 -2.02
CA LEU A 435 -13.30 -13.98 -2.10
C LEU A 435 -13.83 -14.72 -0.86
N PRO A 436 -13.46 -14.33 0.37
CA PRO A 436 -13.90 -15.11 1.55
C PRO A 436 -15.40 -15.24 1.72
N VAL A 437 -16.22 -14.36 1.14
CA VAL A 437 -17.68 -14.46 1.27
C VAL A 437 -18.35 -15.03 0.03
N LEU A 438 -17.58 -15.41 -0.99
CA LEU A 438 -18.18 -15.94 -2.21
C LEU A 438 -18.69 -17.35 -1.95
N PRO A 439 -19.88 -17.70 -2.44
CA PRO A 439 -20.49 -18.99 -2.09
C PRO A 439 -19.74 -20.17 -2.73
N PRO A 440 -19.79 -21.36 -2.10
CA PRO A 440 -19.06 -22.54 -2.64
C PRO A 440 -19.69 -23.05 -3.95
N LYS A 441 -18.87 -23.67 -4.82
CA LYS A 441 -19.39 -24.06 -6.16
C LYS A 441 -20.75 -24.76 -6.01
N GLU A 442 -20.86 -25.69 -5.07
CA GLU A 442 -22.11 -26.48 -4.90
C GLU A 442 -23.35 -25.57 -5.04
N GLN A 443 -23.37 -24.43 -4.34
CA GLN A 443 -24.58 -23.62 -4.36
C GLN A 443 -24.64 -22.79 -5.65
N PHE A 444 -23.55 -22.13 -6.04
CA PHE A 444 -23.65 -21.08 -7.05
C PHE A 444 -22.58 -21.36 -8.11
N PRO A 445 -22.95 -21.96 -9.25
CA PRO A 445 -21.95 -22.43 -10.22
C PRO A 445 -21.57 -21.44 -11.31
N TYR A 446 -22.07 -20.21 -11.29
CA TYR A 446 -21.67 -19.23 -12.29
C TYR A 446 -20.20 -18.82 -12.06
N VAL A 447 -19.58 -18.32 -13.12
CA VAL A 447 -18.29 -17.67 -12.97
C VAL A 447 -18.56 -16.19 -12.76
N ILE A 448 -17.95 -15.60 -11.73
CA ILE A 448 -18.34 -14.26 -11.31
C ILE A 448 -17.27 -13.28 -11.74
N ARG A 449 -17.73 -12.18 -12.32
CA ARG A 449 -16.90 -11.19 -12.97
C ARG A 449 -17.35 -9.81 -12.51
N VAL A 450 -16.44 -9.04 -11.89
CA VAL A 450 -16.79 -7.72 -11.38
C VAL A 450 -15.83 -6.69 -11.96
N VAL A 451 -16.37 -5.59 -12.47
CA VAL A 451 -15.60 -4.48 -12.99
C VAL A 451 -15.95 -3.24 -12.18
N SER A 452 -14.94 -2.61 -11.62
CA SER A 452 -15.08 -1.36 -10.87
C SER A 452 -14.61 -0.21 -11.76
N GLU A 453 -15.55 0.61 -12.21
CA GLU A 453 -15.23 1.83 -12.94
C GLU A 453 -15.01 2.93 -11.91
N VAL A 454 -13.78 3.43 -11.81
CA VAL A 454 -13.48 4.52 -10.89
C VAL A 454 -13.75 5.83 -11.63
N LEU A 455 -14.86 6.48 -11.28
CA LEU A 455 -15.31 7.66 -12.03
C LEU A 455 -14.84 8.96 -11.42
N SER A 456 -14.48 8.95 -10.15
CA SER A 456 -13.89 10.10 -9.47
C SER A 456 -13.02 9.57 -8.33
N SER A 457 -11.88 10.24 -8.11
CA SER A 457 -10.89 9.80 -7.13
C SER A 457 -10.60 10.92 -6.13
N ASN A 458 -10.76 10.63 -4.85
CA ASN A 458 -10.30 11.55 -3.80
C ASN A 458 -9.74 10.84 -2.60
N GLY A 459 -9.93 9.54 -2.47
CA GLY A 459 -9.28 8.80 -1.41
C GLY A 459 -9.07 7.36 -1.82
N SER A 460 -9.59 6.43 -1.05
CA SER A 460 -9.40 5.02 -1.33
C SER A 460 -10.39 4.62 -2.42
N THR A 461 -9.94 4.70 -3.66
CA THR A 461 -10.75 4.17 -4.74
C THR A 461 -10.76 2.64 -4.72
N SER A 462 -9.72 2.01 -4.16
CA SER A 462 -9.76 0.56 -4.04
C SER A 462 -10.74 0.11 -2.96
N MET A 463 -11.00 0.94 -1.95
CA MET A 463 -12.00 0.59 -0.93
C MET A 463 -13.40 0.89 -1.44
N GLY A 464 -13.55 1.96 -2.21
CA GLY A 464 -14.79 2.16 -2.93
C GLY A 464 -15.05 1.03 -3.90
N SER A 465 -14.00 0.47 -4.48
CA SER A 465 -14.14 -0.69 -5.36
C SER A 465 -14.67 -1.91 -4.61
N VAL A 466 -14.16 -2.17 -3.41
CA VAL A 466 -14.71 -3.23 -2.57
C VAL A 466 -16.19 -2.96 -2.29
N CYS A 467 -16.51 -1.76 -1.82
CA CYS A 467 -17.87 -1.48 -1.39
C CYS A 467 -18.84 -1.61 -2.56
N GLY A 468 -18.50 -0.99 -3.71
CA GLY A 468 -19.33 -1.14 -4.90
C GLY A 468 -19.44 -2.58 -5.38
N SER A 469 -18.36 -3.36 -5.25
CA SER A 469 -18.39 -4.75 -5.68
C SER A 469 -19.45 -5.53 -4.91
N THR A 470 -19.48 -5.35 -3.59
CA THR A 470 -20.47 -6.00 -2.75
C THR A 470 -21.89 -5.60 -3.16
N LEU A 471 -22.13 -4.29 -3.32
CA LEU A 471 -23.40 -3.81 -3.85
C LEU A 471 -23.79 -4.47 -5.18
N ALA A 472 -22.84 -4.60 -6.11
CA ALA A 472 -23.18 -5.14 -7.42
C ALA A 472 -23.46 -6.62 -7.34
N LEU A 473 -22.70 -7.33 -6.51
CA LEU A 473 -22.97 -8.73 -6.24
C LEU A 473 -24.32 -8.92 -5.55
N MET A 474 -24.73 -7.96 -4.71
CA MET A 474 -26.04 -8.10 -4.09
C MET A 474 -27.17 -7.78 -5.07
N ASP A 475 -26.94 -6.86 -6.00
CA ASP A 475 -27.95 -6.60 -7.03
C ASP A 475 -28.10 -7.79 -7.97
N ALA A 476 -27.03 -8.55 -8.19
CA ALA A 476 -27.05 -9.66 -9.14
C ALA A 476 -27.60 -10.95 -8.56
N GLY A 477 -27.91 -10.98 -7.26
CA GLY A 477 -28.43 -12.17 -6.65
C GLY A 477 -27.40 -13.17 -6.19
N VAL A 478 -26.12 -12.81 -6.18
CA VAL A 478 -25.07 -13.68 -5.66
C VAL A 478 -25.25 -13.83 -4.16
N PRO A 479 -25.49 -15.03 -3.65
CA PRO A 479 -25.77 -15.25 -2.22
C PRO A 479 -24.50 -15.25 -1.36
N ILE A 480 -23.90 -14.07 -1.23
CA ILE A 480 -22.65 -13.94 -0.49
C ILE A 480 -22.91 -14.14 1.00
N LEU A 481 -21.91 -14.70 1.68
CA LEU A 481 -22.02 -14.99 3.11
C LEU A 481 -22.33 -13.74 3.92
N LYS A 482 -21.53 -12.69 3.74
CA LYS A 482 -21.68 -11.41 4.42
C LYS A 482 -21.27 -10.32 3.45
N PRO A 483 -21.77 -9.11 3.59
CA PRO A 483 -21.28 -8.00 2.77
C PRO A 483 -19.94 -7.48 3.26
N VAL A 484 -19.11 -7.04 2.32
CA VAL A 484 -17.77 -6.58 2.64
C VAL A 484 -17.67 -5.09 2.36
N SER A 485 -16.94 -4.38 3.22
CA SER A 485 -16.76 -2.94 3.13
C SER A 485 -15.33 -2.67 3.61
N GLY A 486 -14.85 -1.44 3.39
CA GLY A 486 -13.52 -1.09 3.83
C GLY A 486 -13.27 0.41 3.82
N ALA A 487 -12.21 0.81 4.49
CA ALA A 487 -11.78 2.19 4.52
C ALA A 487 -10.26 2.24 4.63
N ALA A 488 -9.70 3.42 4.34
CA ALA A 488 -8.26 3.64 4.43
C ALA A 488 -7.97 4.61 5.56
N MET A 489 -7.04 4.24 6.43
CA MET A 489 -6.58 5.09 7.52
C MET A 489 -5.30 5.83 7.14
N GLY A 490 -5.06 6.95 7.84
CA GLY A 490 -3.86 7.72 7.63
C GLY A 490 -3.17 8.02 8.95
N LEU A 491 -2.01 8.67 8.83
CA LEU A 491 -1.23 8.96 10.01
C LEU A 491 -0.49 10.27 9.81
N ILE A 492 -0.59 11.15 10.80
CA ILE A 492 0.34 12.26 10.96
C ILE A 492 1.19 11.93 12.18
N LYS A 493 2.49 11.89 11.96
CA LYS A 493 3.47 11.59 13.00
C LYS A 493 4.44 12.76 13.06
N GLU A 494 4.20 13.67 14.04
CA GLU A 494 5.00 14.88 14.27
C GLU A 494 5.78 14.62 15.59
N GLY A 495 6.82 13.80 15.57
CA GLY A 495 7.60 13.57 16.77
C GLY A 495 6.91 12.62 17.72
N ASP A 496 6.78 13.04 18.99
CA ASP A 496 5.98 12.33 19.98
C ASP A 496 4.50 12.39 19.67
N GLU A 497 4.07 13.35 18.84
CA GLU A 497 2.67 13.51 18.49
C GLU A 497 2.29 12.59 17.34
N VAL A 498 1.23 11.82 17.54
CA VAL A 498 0.78 10.83 16.58
C VAL A 498 -0.74 10.89 16.49
N ARG A 499 -1.24 11.13 15.28
CA ARG A 499 -2.67 11.22 15.00
C ARG A 499 -3.02 10.25 13.88
N VAL A 500 -4.15 9.56 14.05
CA VAL A 500 -4.61 8.54 13.10
C VAL A 500 -5.89 9.04 12.44
N LEU A 501 -5.86 9.15 11.11
CA LEU A 501 -6.96 9.65 10.30
C LEU A 501 -7.75 8.50 9.70
N THR A 502 -9.06 8.68 9.59
CA THR A 502 -9.92 7.71 8.95
C THR A 502 -10.43 8.25 7.63
N ASP A 503 -10.43 7.40 6.60
CA ASP A 503 -10.96 7.78 5.30
C ASP A 503 -10.34 9.01 4.65
N ILE A 504 -9.01 8.92 4.50
CA ILE A 504 -8.21 10.08 4.10
C ILE A 504 -8.52 10.67 2.74
N GLN A 505 -8.65 11.99 2.71
CA GLN A 505 -8.55 12.84 1.52
C GLN A 505 -7.26 12.59 0.74
N GLY A 506 -7.23 12.78 -0.55
CA GLY A 506 -5.97 12.68 -1.27
C GLY A 506 -4.73 13.33 -0.66
N ILE A 507 -4.81 14.61 -0.28
CA ILE A 507 -3.62 15.28 0.21
C ILE A 507 -3.24 14.83 1.62
N GLU A 508 -4.19 14.27 2.37
CA GLU A 508 -3.86 13.56 3.60
C GLU A 508 -3.04 12.31 3.31
N ASP A 509 -3.13 11.78 2.10
CA ASP A 509 -2.30 10.65 1.72
C ASP A 509 -0.98 11.13 1.14
N PHE A 510 -1.02 12.18 0.31
CA PHE A 510 0.21 12.77 -0.23
C PHE A 510 1.07 13.39 0.86
N LEU A 511 0.48 14.21 1.74
CA LEU A 511 1.27 14.90 2.76
C LEU A 511 1.25 14.18 4.10
N GLY A 512 0.68 12.97 4.14
CA GLY A 512 0.68 12.17 5.35
C GLY A 512 1.78 11.13 5.32
N ASP A 513 1.79 10.31 6.38
CA ASP A 513 2.85 9.34 6.60
C ASP A 513 2.43 7.90 6.34
N MET A 514 1.16 7.65 5.99
CA MET A 514 0.66 6.27 5.91
C MET A 514 -0.61 6.21 5.06
N ASP A 515 -0.70 5.18 4.23
CA ASP A 515 -1.90 4.84 3.47
C ASP A 515 -2.25 3.39 3.82
N PHE A 516 -3.28 3.18 4.65
CA PHE A 516 -3.57 1.89 5.28
C PHE A 516 -5.00 1.45 4.95
N LYS A 517 -5.14 0.53 3.98
CA LYS A 517 -6.43 0.03 3.56
C LYS A 517 -6.78 -1.23 4.34
N VAL A 518 -7.99 -1.27 4.89
CA VAL A 518 -8.44 -2.47 5.56
C VAL A 518 -9.88 -2.74 5.14
N ALA A 519 -10.16 -3.98 4.78
CA ALA A 519 -11.45 -4.36 4.26
C ALA A 519 -11.91 -5.58 5.03
N GLY A 520 -13.23 -5.81 5.04
CA GLY A 520 -13.77 -6.97 5.72
C GLY A 520 -15.26 -6.80 6.02
N THR A 521 -15.74 -7.66 6.93
CA THR A 521 -17.14 -7.94 7.17
C THR A 521 -17.53 -7.57 8.60
N ASP A 522 -18.73 -8.02 8.99
CA ASP A 522 -19.19 -7.86 10.37
C ASP A 522 -18.29 -8.57 11.35
N ALA A 523 -17.67 -9.68 10.93
CA ALA A 523 -17.00 -10.62 11.81
C ALA A 523 -15.50 -10.35 11.94
N GLY A 524 -14.83 -9.99 10.85
CA GLY A 524 -13.39 -9.86 10.89
C GLY A 524 -12.88 -9.24 9.61
N ILE A 525 -11.57 -9.34 9.43
CA ILE A 525 -10.87 -8.69 8.32
C ILE A 525 -10.68 -9.69 7.18
N THR A 526 -10.66 -9.15 5.94
CA THR A 526 -10.41 -9.95 4.76
C THR A 526 -9.23 -9.49 3.94
N ALA A 527 -8.88 -8.19 3.95
CA ALA A 527 -7.77 -7.72 3.11
C ALA A 527 -7.10 -6.49 3.69
N LEU A 528 -5.77 -6.43 3.51
CA LEU A 528 -4.93 -5.37 4.07
C LEU A 528 -4.00 -4.84 3.00
N GLN A 529 -3.58 -3.58 3.17
CA GLN A 529 -2.54 -2.97 2.33
C GLN A 529 -2.09 -1.70 3.01
N MET A 530 -0.81 -1.64 3.41
CA MET A 530 -0.19 -0.48 4.05
C MET A 530 1.03 -0.01 3.25
N ASP A 531 1.06 1.30 2.99
CA ASP A 531 2.24 1.99 2.47
C ASP A 531 2.62 3.12 3.41
N MET A 532 3.93 3.35 3.56
CA MET A 532 4.45 4.44 4.36
C MET A 532 5.43 5.26 3.54
N LYS A 533 5.52 6.56 3.85
CA LYS A 533 6.62 7.39 3.34
C LYS A 533 7.64 7.75 4.41
N ILE A 534 7.52 7.24 5.63
CA ILE A 534 8.55 7.42 6.64
C ILE A 534 9.20 6.07 6.92
N SER A 535 10.21 6.05 7.79
CA SER A 535 11.00 4.84 8.02
C SER A 535 10.27 3.75 8.78
N GLY A 536 9.06 3.99 9.28
CA GLY A 536 8.27 2.93 9.88
C GLY A 536 7.45 3.34 11.07
N LEU A 537 6.58 2.45 11.55
CA LEU A 537 5.80 2.68 12.77
C LEU A 537 5.87 1.49 13.72
N SER A 538 5.75 1.81 15.01
CA SER A 538 5.67 0.79 16.04
C SER A 538 4.41 -0.04 15.85
N LEU A 539 4.48 -1.30 16.29
CA LEU A 539 3.29 -2.15 16.25
C LEU A 539 2.14 -1.56 17.06
N GLU A 540 2.46 -0.84 18.13
CA GLU A 540 1.43 -0.24 18.97
C GLU A 540 0.55 0.72 18.17
N VAL A 541 1.15 1.52 17.28
CA VAL A 541 0.32 2.43 16.50
C VAL A 541 -0.45 1.67 15.43
N ILE A 542 0.10 0.56 14.92
CA ILE A 542 -0.65 -0.22 13.96
C ILE A 542 -1.91 -0.80 14.60
N ALA A 543 -1.81 -1.27 15.83
CA ALA A 543 -2.98 -1.80 16.52
C ALA A 543 -4.08 -0.75 16.67
N GLN A 544 -3.70 0.51 16.89
CA GLN A 544 -4.70 1.56 17.07
C GLN A 544 -5.38 1.92 15.74
N ALA A 545 -4.61 1.95 14.65
CA ALA A 545 -5.20 2.22 13.34
C ALA A 545 -6.14 1.10 12.90
N ILE A 546 -5.81 -0.15 13.24
CA ILE A 546 -6.68 -1.27 12.89
C ILE A 546 -7.99 -1.22 13.68
N HIS A 547 -7.92 -0.78 14.94
CA HIS A 547 -9.15 -0.66 15.73
C HIS A 547 -10.01 0.50 15.25
N GLN A 548 -9.40 1.64 14.97
CA GLN A 548 -10.15 2.79 14.46
C GLN A 548 -10.80 2.49 13.10
N ALA A 549 -10.19 1.64 12.29
CA ALA A 549 -10.72 1.32 10.96
C ALA A 549 -11.88 0.36 11.00
N LYS A 550 -11.98 -0.50 12.02
CA LYS A 550 -13.19 -1.31 12.16
C LYS A 550 -14.42 -0.43 12.31
N ASP A 551 -14.28 0.69 13.02
CA ASP A 551 -15.39 1.63 13.18
C ASP A 551 -15.80 2.23 11.84
N ALA A 552 -14.83 2.56 10.98
CA ALA A 552 -15.15 3.14 9.69
C ALA A 552 -15.85 2.12 8.82
N ARG A 553 -15.28 0.91 8.73
CA ARG A 553 -15.90 -0.18 8.01
C ARG A 553 -17.31 -0.46 8.52
N LEU A 554 -17.50 -0.45 9.84
CA LEU A 554 -18.82 -0.69 10.40
C LEU A 554 -19.80 0.40 9.97
N HIS A 555 -19.38 1.67 10.07
CA HIS A 555 -20.26 2.77 9.74
C HIS A 555 -20.63 2.78 8.25
N ILE A 556 -19.65 2.53 7.39
CA ILE A 556 -19.92 2.50 5.94
C ILE A 556 -20.80 1.30 5.58
N LEU A 557 -20.59 0.17 6.22
CA LEU A 557 -21.38 -1.02 5.89
C LEU A 557 -22.80 -0.89 6.39
N ASP A 558 -22.97 -0.45 7.64
CA ASP A 558 -24.28 -0.32 8.23
C ASP A 558 -25.09 0.77 7.56
N LYS A 559 -24.48 1.51 6.64
CA LYS A 559 -25.18 2.51 5.86
C LYS A 559 -25.27 2.16 4.37
N MET A 560 -24.54 1.15 3.89
CA MET A 560 -24.86 0.57 2.59
C MET A 560 -26.04 -0.39 2.65
N LEU A 561 -26.36 -0.94 3.82
CA LEU A 561 -27.52 -1.82 3.96
C LEU A 561 -28.83 -1.07 3.94
N GLN A 562 -28.80 0.25 4.07
CA GLN A 562 -29.97 1.06 3.81
C GLN A 562 -30.24 1.28 2.32
N THR A 563 -29.34 0.79 1.47
CA THR A 563 -29.60 0.69 0.03
C THR A 563 -30.03 -0.71 -0.38
N ILE A 564 -29.40 -1.73 0.20
CA ILE A 564 -29.76 -3.12 -0.05
C ILE A 564 -29.24 -3.95 1.11
N ASP A 565 -30.15 -4.61 1.84
CA ASP A 565 -29.78 -5.33 3.05
C ASP A 565 -29.53 -6.83 2.86
N GLN A 566 -30.00 -7.43 1.77
CA GLN A 566 -29.84 -8.83 1.39
C GLN A 566 -29.56 -8.91 -0.11
N PRO A 567 -28.85 -9.94 -0.55
CA PRO A 567 -28.86 -10.25 -1.99
C PRO A 567 -30.25 -10.61 -2.46
N ARG A 568 -30.56 -10.23 -3.71
CA ARG A 568 -31.85 -10.55 -4.30
C ARG A 568 -32.04 -12.05 -4.40
N THR A 569 -33.24 -12.51 -4.08
CA THR A 569 -33.52 -13.94 -4.12
C THR A 569 -33.40 -14.52 -5.52
N GLU A 570 -33.47 -13.70 -6.57
CA GLU A 570 -33.39 -14.18 -7.95
C GLU A 570 -32.39 -13.36 -8.75
N THR A 571 -31.96 -13.93 -9.89
CA THR A 571 -30.95 -13.34 -10.74
C THR A 571 -31.61 -12.50 -11.85
N SER A 572 -30.82 -12.11 -12.86
CA SER A 572 -31.23 -11.24 -13.96
C SER A 572 -31.82 -12.06 -15.10
N PRO A 573 -32.89 -11.54 -15.74
CA PRO A 573 -33.46 -12.24 -16.91
C PRO A 573 -32.47 -12.43 -18.03
N TYR A 574 -31.43 -11.61 -18.09
CA TYR A 574 -30.36 -11.73 -19.06
C TYR A 574 -29.09 -12.33 -18.47
N ALA A 575 -29.16 -12.83 -17.22
CA ALA A 575 -28.03 -13.52 -16.62
C ALA A 575 -27.90 -14.93 -17.19
#